data_3FX3
#
_entry.id   3FX3
#
_cell.length_a   137.728
_cell.length_b   137.728
_cell.length_c   94.626
_cell.angle_alpha   90.000
_cell.angle_beta   90.000
_cell.angle_gamma   120.000
#
_symmetry.space_group_name_H-M   'H 3'
#
loop_
_entity.id
_entity.type
_entity.pdbx_description
1 polymer 'Cyclic nucleotide-binding protein'
2 non-polymer 'PHOSPHATE ION'
3 non-polymer GLYCEROL
4 water water
#
_entity_poly.entity_id   1
_entity_poly.type   'polypeptide(L)'
_entity_poly.pdbx_seq_one_letter_code
;SNA(MSE)AHEAQKAIARNSLLIRSLPEQHVDALLSQAVWRSYDRGETLFLQEEKAQAIHVVIDGWVKLFR(MSE)TPTG
SEAVVSVFTRGESFGEAVALRNTPYPVSAEAVTPCEV(MSE)HIPSPVFVSL(MSE)RRDPEICISILATTFGHLHSLVA
QLEQLKAQTGAQRVAEFLLELCDCDTGACEVTLPYDK(MSE)LIAGRLG(MSE)KPESLSRAFSRLKAAGVTVKRNHAEI
EDIALLRDYAESDPADSWSES
;
_entity_poly.pdbx_strand_id   A,B
#
loop_
_chem_comp.id
_chem_comp.type
_chem_comp.name
_chem_comp.formula
GOL non-polymer GLYCEROL 'C3 H8 O3'
PO4 non-polymer 'PHOSPHATE ION' 'O4 P -3'
#
# COMPACT_ATOMS: atom_id res chain seq x y z
N HIS A 6 -17.82 -14.98 -21.60
CA HIS A 6 -17.38 -14.88 -20.17
C HIS A 6 -17.56 -13.44 -19.63
N GLU A 7 -18.66 -12.81 -20.01
CA GLU A 7 -18.87 -11.38 -19.78
C GLU A 7 -18.93 -10.98 -18.32
N ALA A 8 -19.77 -11.67 -17.56
CA ALA A 8 -19.95 -11.45 -16.13
C ALA A 8 -18.66 -11.74 -15.37
N GLN A 9 -17.94 -12.75 -15.85
CA GLN A 9 -16.70 -13.16 -15.18
C GLN A 9 -15.56 -12.19 -15.44
N LYS A 10 -15.51 -11.64 -16.66
CA LYS A 10 -14.48 -10.66 -17.01
C LYS A 10 -14.71 -9.35 -16.26
N ALA A 11 -15.97 -9.00 -16.05
CA ALA A 11 -16.33 -7.82 -15.24
C ALA A 11 -15.81 -8.00 -13.81
N ILE A 12 -15.98 -9.19 -13.25
CA ILE A 12 -15.36 -9.54 -11.96
C ILE A 12 -13.85 -9.43 -12.01
N ALA A 13 -13.23 -10.02 -13.04
CA ALA A 13 -11.76 -9.97 -13.20
C ALA A 13 -11.25 -8.52 -13.23
N ARG A 14 -12.06 -7.60 -13.76
CA ARG A 14 -11.66 -6.19 -13.85
C ARG A 14 -11.55 -5.49 -12.49
N ASN A 15 -12.11 -6.08 -11.43
CA ASN A 15 -11.90 -5.56 -10.06
C ASN A 15 -10.58 -5.94 -9.44
N SER A 16 -9.84 -6.85 -10.08
CA SER A 16 -8.57 -7.30 -9.51
C SER A 16 -7.47 -6.26 -9.64
N LEU A 17 -6.48 -6.40 -8.78
CA LEU A 17 -5.29 -5.55 -8.87
C LEU A 17 -4.55 -5.69 -10.20
N LEU A 18 -4.46 -6.91 -10.73
CA LEU A 18 -3.78 -7.08 -12.01
C LEU A 18 -4.46 -6.21 -13.05
N ILE A 19 -5.78 -6.35 -13.17
CA ILE A 19 -6.47 -5.72 -14.27
C ILE A 19 -6.67 -4.20 -14.07
N ARG A 20 -6.93 -3.79 -12.82
N ARG A 20 -6.88 -3.79 -12.81
CA ARG A 20 -7.03 -2.38 -12.51
CA ARG A 20 -6.99 -2.37 -12.42
C ARG A 20 -5.75 -1.67 -12.95
C ARG A 20 -5.71 -1.60 -12.69
N SER A 21 -4.61 -2.32 -12.76
CA SER A 21 -3.34 -1.71 -13.06
C SER A 21 -3.06 -1.49 -14.54
N LEU A 22 -3.84 -2.10 -15.42
CA LEU A 22 -3.60 -2.03 -16.84
C LEU A 22 -4.37 -0.88 -17.45
N PRO A 23 -3.79 -0.23 -18.47
CA PRO A 23 -4.55 0.73 -19.28
C PRO A 23 -5.65 0.04 -20.03
N GLU A 24 -6.82 0.66 -20.00
CA GLU A 24 -8.02 0.11 -20.64
C GLU A 24 -7.76 -0.48 -22.00
N GLN A 25 -7.00 0.22 -22.83
N GLN A 25 -7.01 0.22 -22.85
CA GLN A 25 -6.79 -0.19 -24.22
CA GLN A 25 -6.80 -0.21 -24.25
C GLN A 25 -6.12 -1.56 -24.35
C GLN A 25 -6.22 -1.63 -24.31
N HIS A 26 -5.53 -2.06 -23.28
CA HIS A 26 -4.91 -3.41 -23.27
C HIS A 26 -5.71 -4.54 -22.59
N VAL A 27 -6.80 -4.22 -21.90
CA VAL A 27 -7.48 -5.21 -21.06
C VAL A 27 -8.06 -6.36 -21.92
N ASP A 28 -8.90 -6.03 -22.91
CA ASP A 28 -9.67 -7.05 -23.61
C ASP A 28 -8.81 -8.09 -24.33
N ALA A 29 -7.71 -7.66 -24.95
CA ALA A 29 -6.85 -8.60 -25.68
C ALA A 29 -6.13 -9.51 -24.68
N LEU A 30 -5.90 -9.01 -23.49
CA LEU A 30 -5.35 -9.88 -22.44
C LEU A 30 -6.39 -10.89 -21.87
N LEU A 31 -7.59 -10.42 -21.57
CA LEU A 31 -8.61 -11.32 -21.05
C LEU A 31 -8.99 -12.35 -22.11
N SER A 32 -8.82 -12.00 -23.39
CA SER A 32 -9.10 -12.95 -24.47
C SER A 32 -8.12 -14.12 -24.52
N GLN A 33 -7.02 -14.05 -23.81
CA GLN A 33 -6.06 -15.17 -23.82
C GLN A 33 -6.05 -15.94 -22.49
N ALA A 34 -7.02 -15.64 -21.63
CA ALA A 34 -7.14 -16.27 -20.31
C ALA A 34 -7.35 -17.77 -20.45
N VAL A 35 -6.85 -18.52 -19.47
CA VAL A 35 -7.13 -19.93 -19.30
C VAL A 35 -8.13 -20.05 -18.16
N TRP A 36 -9.29 -20.62 -18.45
CA TRP A 36 -10.38 -20.70 -17.49
C TRP A 36 -10.49 -22.07 -16.85
N ARG A 37 -10.57 -22.11 -15.52
CA ARG A 37 -10.62 -23.38 -14.79
C ARG A 37 -11.49 -23.30 -13.57
N SER A 38 -12.14 -24.42 -13.29
CA SER A 38 -12.85 -24.65 -12.07
C SER A 38 -12.08 -25.67 -11.24
N TYR A 39 -12.26 -25.58 -9.92
CA TYR A 39 -11.63 -26.46 -8.96
C TYR A 39 -12.71 -26.83 -7.92
N ASP A 40 -12.73 -28.09 -7.52
CA ASP A 40 -13.47 -28.52 -6.35
C ASP A 40 -12.72 -28.16 -5.07
N ARG A 41 -13.46 -28.11 -3.99
CA ARG A 41 -12.89 -27.87 -2.68
C ARG A 41 -11.80 -28.90 -2.38
N GLY A 42 -10.65 -28.41 -1.92
CA GLY A 42 -9.53 -29.27 -1.58
C GLY A 42 -8.54 -29.48 -2.71
N GLU A 43 -8.91 -29.10 -3.94
CA GLU A 43 -7.99 -29.31 -5.08
C GLU A 43 -6.94 -28.22 -5.11
N THR A 44 -5.75 -28.65 -5.53
CA THR A 44 -4.56 -27.81 -5.71
C THR A 44 -4.60 -27.02 -7.00
N LEU A 45 -4.34 -25.72 -6.93
CA LEU A 45 -4.12 -24.95 -8.13
C LEU A 45 -2.66 -25.14 -8.56
N PHE A 46 -1.74 -25.10 -7.61
CA PHE A 46 -0.31 -25.31 -7.88
C PHE A 46 0.41 -25.57 -6.57
N LEU A 47 1.64 -26.06 -6.67
CA LEU A 47 2.42 -26.43 -5.48
C LEU A 47 3.69 -25.60 -5.43
N GLN A 48 4.13 -25.36 -4.20
CA GLN A 48 5.33 -24.64 -3.90
C GLN A 48 6.45 -25.24 -4.72
N GLU A 49 7.31 -24.38 -5.25
CA GLU A 49 8.49 -24.77 -6.05
C GLU A 49 8.23 -25.15 -7.50
N GLU A 50 6.99 -25.29 -7.93
CA GLU A 50 6.71 -25.49 -9.36
C GLU A 50 6.93 -24.16 -10.11
N LYS A 51 7.03 -24.26 -11.43
CA LYS A 51 7.21 -23.12 -12.29
C LYS A 51 5.99 -22.20 -12.28
N ALA A 52 6.21 -20.89 -12.22
CA ALA A 52 5.11 -19.94 -12.16
C ALA A 52 4.50 -19.68 -13.54
N GLN A 53 3.53 -20.46 -13.92
CA GLN A 53 3.05 -20.42 -15.30
C GLN A 53 1.92 -19.42 -15.57
N ALA A 54 1.34 -18.86 -14.52
CA ALA A 54 0.27 -17.94 -14.68
C ALA A 54 0.21 -17.00 -13.51
N ILE A 55 -0.47 -15.91 -13.74
CA ILE A 55 -0.99 -15.01 -12.73
C ILE A 55 -2.47 -15.43 -12.56
N HIS A 56 -2.99 -15.35 -11.34
CA HIS A 56 -4.25 -16.01 -10.98
C HIS A 56 -5.26 -14.99 -10.55
N VAL A 57 -6.46 -15.02 -11.11
CA VAL A 57 -7.55 -14.16 -10.71
C VAL A 57 -8.76 -15.01 -10.28
N VAL A 58 -9.10 -15.00 -8.98
CA VAL A 58 -10.28 -15.71 -8.48
C VAL A 58 -11.56 -15.05 -9.01
N ILE A 59 -12.43 -15.83 -9.65
CA ILE A 59 -13.68 -15.35 -10.18
C ILE A 59 -14.83 -15.71 -9.22
N ASP A 60 -14.72 -16.89 -8.60
CA ASP A 60 -15.72 -17.32 -7.63
C ASP A 60 -15.05 -18.25 -6.62
N GLY A 61 -15.49 -18.17 -5.36
CA GLY A 61 -14.99 -19.02 -4.29
C GLY A 61 -13.74 -18.44 -3.61
N TRP A 62 -13.05 -19.32 -2.89
CA TRP A 62 -11.96 -18.92 -1.99
C TRP A 62 -10.77 -19.84 -2.20
N VAL A 63 -9.59 -19.25 -2.30
CA VAL A 63 -8.37 -19.99 -2.45
C VAL A 63 -7.37 -19.59 -1.36
N LYS A 64 -6.73 -20.57 -0.74
CA LYS A 64 -5.71 -20.25 0.25
C LYS A 64 -4.34 -20.52 -0.35
N LEU A 65 -3.37 -19.73 0.12
CA LEU A 65 -1.97 -19.87 -0.22
C LEU A 65 -1.26 -20.25 1.06
N PHE A 66 -0.45 -21.29 1.01
CA PHE A 66 0.30 -21.74 2.18
C PHE A 66 1.74 -22.13 1.82
N ARG A 67 2.62 -22.01 2.81
CA ARG A 67 4.04 -22.25 2.66
C ARG A 67 4.39 -23.41 3.58
N MSE A 68 5.25 -24.32 3.13
CA MSE A 68 5.73 -25.39 4.00
C MSE A 68 6.70 -24.84 5.04
O MSE A 68 7.53 -23.96 4.74
CB MSE A 68 6.41 -26.50 3.21
CG MSE A 68 5.49 -27.19 2.25
SE MSE A 68 3.68 -27.56 3.05
CE MSE A 68 4.33 -28.78 4.49
N THR A 69 6.53 -25.29 6.28
CA THR A 69 7.47 -24.85 7.29
C THR A 69 8.48 -25.95 7.45
N PRO A 70 9.61 -25.63 8.09
CA PRO A 70 10.61 -26.67 8.35
C PRO A 70 10.10 -27.92 9.08
N THR A 71 9.22 -27.73 10.07
CA THR A 71 8.70 -28.87 10.84
C THR A 71 7.50 -29.50 10.14
N GLY A 72 7.23 -29.08 8.90
CA GLY A 72 6.23 -29.74 8.06
C GLY A 72 4.80 -29.27 8.21
N SER A 73 4.58 -28.23 9.00
CA SER A 73 3.29 -27.56 9.03
C SER A 73 3.07 -26.72 7.77
N GLU A 74 1.79 -26.46 7.50
CA GLU A 74 1.42 -25.54 6.47
C GLU A 74 1.12 -24.21 7.12
N ALA A 75 1.80 -23.15 6.72
CA ALA A 75 1.55 -21.83 7.26
C ALA A 75 0.73 -21.11 6.22
N VAL A 76 -0.49 -20.75 6.58
CA VAL A 76 -1.38 -20.05 5.64
C VAL A 76 -0.84 -18.64 5.57
N VAL A 77 -0.59 -18.20 4.36
CA VAL A 77 -0.07 -16.89 4.09
C VAL A 77 -1.17 -15.92 3.64
N SER A 78 -2.17 -16.40 2.93
CA SER A 78 -3.15 -15.51 2.29
C SER A 78 -4.41 -16.30 1.99
N VAL A 79 -5.53 -15.61 1.86
CA VAL A 79 -6.72 -16.22 1.39
C VAL A 79 -7.36 -15.18 0.47
N PHE A 80 -7.66 -15.61 -0.77
CA PHE A 80 -8.22 -14.71 -1.77
C PHE A 80 -9.59 -15.16 -2.24
N THR A 81 -10.37 -14.18 -2.69
CA THR A 81 -11.68 -14.46 -3.16
C THR A 81 -12.00 -13.72 -4.44
N ARG A 82 -13.26 -13.79 -4.81
CA ARG A 82 -13.84 -13.18 -5.98
C ARG A 82 -13.30 -11.82 -6.28
N GLY A 83 -12.82 -11.62 -7.50
CA GLY A 83 -12.33 -10.30 -7.90
C GLY A 83 -10.91 -9.96 -7.46
N GLU A 84 -10.12 -10.96 -7.05
CA GLU A 84 -8.76 -10.71 -6.52
C GLU A 84 -7.72 -11.49 -7.29
N SER A 85 -6.59 -10.83 -7.61
CA SER A 85 -5.48 -11.45 -8.31
C SER A 85 -4.35 -11.78 -7.35
N PHE A 86 -3.49 -12.72 -7.73
CA PHE A 86 -2.25 -12.96 -7.00
C PHE A 86 -1.28 -13.61 -7.94
N GLY A 87 0.00 -13.60 -7.55
CA GLY A 87 1.12 -14.15 -8.28
C GLY A 87 1.80 -13.28 -9.33
N GLU A 88 1.46 -12.01 -9.36
CA GLU A 88 2.05 -11.07 -10.31
C GLU A 88 3.55 -10.99 -10.19
N ALA A 89 4.05 -10.76 -8.98
CA ALA A 89 5.49 -10.59 -8.76
C ALA A 89 6.23 -11.83 -9.19
N VAL A 90 5.75 -12.97 -8.72
CA VAL A 90 6.41 -14.25 -8.99
C VAL A 90 6.43 -14.53 -10.50
N ALA A 91 5.31 -14.26 -11.17
CA ALA A 91 5.23 -14.47 -12.63
C ALA A 91 6.19 -13.54 -13.38
N LEU A 92 6.31 -12.29 -12.96
CA LEU A 92 7.20 -11.35 -13.63
C LEU A 92 8.67 -11.67 -13.39
N ARG A 93 9.01 -12.24 -12.23
CA ARG A 93 10.39 -12.61 -11.94
C ARG A 93 10.73 -14.00 -12.43
N ASN A 94 9.71 -14.76 -12.85
CA ASN A 94 9.89 -16.18 -13.11
C ASN A 94 10.68 -16.95 -12.03
N THR A 95 10.31 -16.76 -10.78
CA THR A 95 10.92 -17.54 -9.71
C THR A 95 9.95 -18.69 -9.36
N PRO A 96 10.48 -19.79 -8.81
CA PRO A 96 9.57 -20.89 -8.45
C PRO A 96 8.48 -20.43 -7.47
N TYR A 97 7.30 -21.01 -7.53
CA TYR A 97 6.21 -20.58 -6.68
C TYR A 97 6.70 -20.67 -5.21
N PRO A 98 6.52 -19.61 -4.41
CA PRO A 98 6.97 -19.63 -3.01
C PRO A 98 5.94 -20.23 -2.08
N VAL A 99 4.76 -20.56 -2.62
CA VAL A 99 3.64 -21.13 -1.85
C VAL A 99 2.88 -22.14 -2.70
N SER A 100 2.05 -22.96 -2.04
CA SER A 100 1.08 -23.77 -2.72
C SER A 100 -0.30 -23.06 -2.63
N ALA A 101 -1.18 -23.38 -3.54
CA ALA A 101 -2.51 -22.77 -3.58
C ALA A 101 -3.57 -23.85 -3.67
N GLU A 102 -4.58 -23.70 -2.82
CA GLU A 102 -5.60 -24.72 -2.67
C GLU A 102 -6.99 -24.07 -2.57
N ALA A 103 -7.92 -24.64 -3.32
CA ALA A 103 -9.33 -24.26 -3.25
C ALA A 103 -9.90 -24.65 -1.90
N VAL A 104 -10.49 -23.69 -1.19
CA VAL A 104 -11.10 -23.97 0.12
C VAL A 104 -12.62 -24.02 0.02
N THR A 105 -13.18 -23.55 -1.09
CA THR A 105 -14.55 -23.86 -1.48
C THR A 105 -14.41 -24.28 -2.95
N PRO A 106 -15.51 -24.72 -3.57
CA PRO A 106 -15.46 -24.81 -5.03
C PRO A 106 -15.16 -23.43 -5.62
N CYS A 107 -14.34 -23.40 -6.65
N CYS A 107 -14.32 -23.35 -6.63
CA CYS A 107 -13.79 -22.17 -7.19
CA CYS A 107 -13.94 -22.07 -7.15
C CYS A 107 -13.87 -22.09 -8.70
C CYS A 107 -13.75 -22.07 -8.65
N GLU A 108 -13.79 -20.87 -9.21
CA GLU A 108 -13.54 -20.62 -10.60
C GLU A 108 -12.39 -19.65 -10.58
N VAL A 109 -11.38 -19.93 -11.40
CA VAL A 109 -10.21 -19.07 -11.52
C VAL A 109 -9.97 -18.72 -13.00
N MSE A 110 -9.57 -17.49 -13.27
CA MSE A 110 -9.12 -17.07 -14.60
C MSE A 110 -7.61 -16.89 -14.50
O MSE A 110 -7.11 -16.07 -13.71
CB MSE A 110 -9.77 -15.74 -15.00
CG MSE A 110 -9.48 -15.30 -16.46
SE MSE A 110 -9.92 -13.43 -16.75
CE MSE A 110 -8.55 -12.70 -15.63
N HIS A 111 -6.88 -17.71 -15.26
CA HIS A 111 -5.40 -17.73 -15.20
C HIS A 111 -4.90 -16.95 -16.39
N ILE A 112 -4.06 -15.95 -16.17
CA ILE A 112 -3.43 -15.22 -17.26
C ILE A 112 -2.04 -15.84 -17.44
N PRO A 113 -1.78 -16.54 -18.55
CA PRO A 113 -0.46 -17.19 -18.67
C PRO A 113 0.68 -16.19 -18.61
N SER A 114 1.74 -16.56 -17.90
CA SER A 114 2.86 -15.63 -17.62
C SER A 114 3.48 -15.16 -18.92
N PRO A 115 3.71 -16.05 -19.89
CA PRO A 115 4.34 -15.54 -21.11
C PRO A 115 3.47 -14.51 -21.84
N VAL A 116 2.15 -14.60 -21.74
CA VAL A 116 1.30 -13.62 -22.39
C VAL A 116 1.53 -12.25 -21.76
N PHE A 117 1.52 -12.17 -20.42
CA PHE A 117 1.66 -10.90 -19.75
C PHE A 117 3.08 -10.38 -19.85
N VAL A 118 4.04 -11.22 -19.50
CA VAL A 118 5.43 -10.81 -19.57
C VAL A 118 5.84 -10.44 -21.00
N SER A 119 5.43 -11.20 -22.00
CA SER A 119 5.90 -10.90 -23.34
C SER A 119 5.31 -9.58 -23.82
N LEU A 120 4.11 -9.25 -23.39
CA LEU A 120 3.59 -7.93 -23.65
C LEU A 120 4.47 -6.82 -23.03
N MSE A 121 4.95 -7.00 -21.80
CA MSE A 121 5.83 -6.01 -21.19
C MSE A 121 7.18 -5.94 -22.01
O MSE A 121 7.76 -4.89 -22.15
CB MSE A 121 6.20 -6.33 -19.71
CG MSE A 121 5.10 -6.73 -18.68
SE MSE A 121 4.00 -5.26 -18.30
CE MSE A 121 2.72 -5.66 -19.66
N ARG A 122 7.68 -7.07 -22.49
CA ARG A 122 8.96 -7.09 -23.26
C ARG A 122 8.96 -6.45 -24.60
N ARG A 123 7.89 -6.68 -25.36
N ARG A 123 7.89 -6.66 -25.37
CA ARG A 123 7.75 -6.14 -26.68
CA ARG A 123 7.82 -6.11 -26.70
C ARG A 123 7.65 -4.60 -26.70
C ARG A 123 7.62 -4.59 -26.73
N ASP A 124 6.86 -4.04 -25.76
CA ASP A 124 6.50 -2.63 -25.78
C ASP A 124 6.69 -2.03 -24.41
N PRO A 125 7.90 -1.53 -24.17
CA PRO A 125 8.29 -1.02 -22.88
C PRO A 125 7.39 0.15 -22.42
N GLU A 126 6.83 0.88 -23.34
CA GLU A 126 5.86 1.92 -23.00
C GLU A 126 4.66 1.38 -22.20
N ILE A 127 4.22 0.16 -22.48
CA ILE A 127 3.13 -0.45 -21.76
C ILE A 127 3.54 -0.73 -20.31
N CYS A 128 4.72 -1.31 -20.13
CA CYS A 128 5.22 -1.54 -18.78
C CYS A 128 5.38 -0.21 -18.00
N ILE A 129 5.92 0.82 -18.64
CA ILE A 129 6.06 2.13 -18.02
C ILE A 129 4.69 2.70 -17.60
N SER A 130 3.68 2.51 -18.43
CA SER A 130 2.38 3.05 -18.09
C SER A 130 1.76 2.27 -16.94
N ILE A 131 2.00 0.98 -16.85
CA ILE A 131 1.48 0.18 -15.74
C ILE A 131 2.21 0.56 -14.43
N LEU A 132 3.52 0.71 -14.53
CA LEU A 132 4.36 1.18 -13.44
C LEU A 132 3.91 2.54 -12.89
N ALA A 133 3.58 3.49 -13.78
CA ALA A 133 3.09 4.78 -13.36
C ALA A 133 1.84 4.60 -12.46
N THR A 134 0.92 3.75 -12.88
CA THR A 134 -0.32 3.51 -12.17
C THR A 134 -0.05 2.87 -10.84
N THR A 135 0.89 1.93 -10.80
CA THR A 135 1.18 1.26 -9.54
C THR A 135 1.86 2.19 -8.52
N PHE A 136 2.73 3.10 -8.96
CA PHE A 136 3.31 4.06 -8.04
C PHE A 136 2.21 4.93 -7.44
N GLY A 137 1.25 5.33 -8.26
CA GLY A 137 0.15 6.15 -7.78
C GLY A 137 -0.68 5.40 -6.75
N HIS A 138 -0.96 4.13 -7.02
N HIS A 138 -0.98 4.13 -7.06
CA HIS A 138 -1.78 3.32 -6.13
CA HIS A 138 -1.76 3.27 -6.18
C HIS A 138 -0.98 3.03 -4.83
C HIS A 138 -0.98 3.12 -4.85
N LEU A 139 0.33 2.88 -4.95
CA LEU A 139 1.16 2.74 -3.74
C LEU A 139 1.07 3.97 -2.83
N HIS A 140 1.20 5.19 -3.38
CA HIS A 140 1.11 6.39 -2.54
C HIS A 140 -0.26 6.46 -1.91
N SER A 141 -1.29 6.10 -2.68
CA SER A 141 -2.64 6.19 -2.17
C SER A 141 -2.88 5.19 -1.01
N LEU A 142 -2.34 3.99 -1.11
CA LEU A 142 -2.45 3.02 -0.03
C LEU A 142 -1.62 3.43 1.21
N VAL A 143 -0.42 3.97 1.02
CA VAL A 143 0.35 4.49 2.17
C VAL A 143 -0.48 5.57 2.90
N ALA A 144 -1.08 6.49 2.14
CA ALA A 144 -1.83 7.56 2.77
C ALA A 144 -3.01 6.96 3.53
N GLN A 145 -3.67 5.94 2.97
CA GLN A 145 -4.81 5.34 3.69
C GLN A 145 -4.35 4.70 5.01
N LEU A 146 -3.20 4.02 4.99
CA LEU A 146 -2.65 3.44 6.23
C LEU A 146 -2.23 4.48 7.24
N GLU A 147 -1.65 5.57 6.77
CA GLU A 147 -1.33 6.66 7.67
C GLU A 147 -2.54 7.27 8.37
N GLN A 148 -3.71 7.17 7.75
CA GLN A 148 -4.90 7.83 8.28
C GLN A 148 -5.86 6.84 8.87
N LEU A 149 -5.52 5.56 8.85
CA LEU A 149 -6.39 4.52 9.39
C LEU A 149 -6.44 4.66 10.91
N LYS A 150 -7.65 4.81 11.43
CA LYS A 150 -7.90 4.83 12.87
C LYS A 150 -8.32 3.47 13.43
N ALA A 151 -8.36 3.37 14.75
CA ALA A 151 -8.87 2.19 15.42
C ALA A 151 -10.35 2.01 15.11
N GLN A 152 -10.77 0.75 15.09
CA GLN A 152 -12.18 0.39 15.03
C GLN A 152 -12.32 -0.90 15.82
N THR A 153 -13.55 -1.29 16.14
CA THR A 153 -13.76 -2.56 16.81
C THR A 153 -13.64 -3.73 15.84
N GLY A 154 -13.50 -4.93 16.38
CA GLY A 154 -13.47 -6.15 15.59
C GLY A 154 -14.77 -6.39 14.82
N ALA A 155 -15.88 -6.09 15.46
CA ALA A 155 -17.20 -6.24 14.86
C ALA A 155 -17.31 -5.31 13.66
N GLN A 156 -16.81 -4.09 13.82
CA GLN A 156 -16.76 -3.13 12.72
C GLN A 156 -15.91 -3.58 11.54
N ARG A 157 -14.76 -4.18 11.84
CA ARG A 157 -13.85 -4.71 10.80
C ARG A 157 -14.58 -5.81 10.00
N VAL A 158 -15.23 -6.73 10.71
CA VAL A 158 -15.98 -7.82 10.07
C VAL A 158 -17.13 -7.25 9.22
N ALA A 159 -17.82 -6.25 9.75
CA ALA A 159 -18.93 -5.61 9.03
C ALA A 159 -18.45 -5.07 7.68
N GLU A 160 -17.35 -4.32 7.71
CA GLU A 160 -16.77 -3.74 6.49
C GLU A 160 -16.32 -4.82 5.52
N PHE A 161 -15.71 -5.86 6.06
CA PHE A 161 -15.31 -7.02 5.26
C PHE A 161 -16.51 -7.62 4.53
N LEU A 162 -17.61 -7.86 5.27
CA LEU A 162 -18.84 -8.41 4.69
C LEU A 162 -19.40 -7.50 3.60
N LEU A 163 -19.48 -6.21 3.90
CA LEU A 163 -19.95 -5.23 2.91
C LEU A 163 -19.10 -5.24 1.64
N GLU A 164 -17.78 -5.32 1.78
CA GLU A 164 -16.92 -5.37 0.59
C GLU A 164 -17.20 -6.59 -0.29
N LEU A 165 -17.47 -7.74 0.34
CA LEU A 165 -17.83 -8.95 -0.38
C LEU A 165 -19.16 -8.81 -1.17
N CYS A 166 -20.02 -7.88 -0.77
CA CYS A 166 -21.31 -7.65 -1.47
C CYS A 166 -21.24 -6.70 -2.65
N ASP A 167 -22.16 -6.92 -3.58
CA ASP A 167 -22.50 -5.95 -4.66
C ASP A 167 -23.63 -5.00 -4.22
N CYS A 173 -29.53 -10.34 1.89
CA CYS A 173 -28.45 -10.64 0.95
C CYS A 173 -27.29 -11.53 1.52
N GLU A 174 -26.61 -12.27 0.62
CA GLU A 174 -25.79 -13.44 0.99
C GLU A 174 -24.36 -13.46 0.44
N VAL A 175 -23.44 -13.98 1.26
CA VAL A 175 -22.02 -14.14 0.90
C VAL A 175 -21.54 -15.51 1.42
N THR A 176 -20.89 -16.29 0.56
CA THR A 176 -20.34 -17.59 0.96
C THR A 176 -18.92 -17.41 1.50
N LEU A 177 -18.64 -18.03 2.66
CA LEU A 177 -17.36 -17.97 3.33
C LEU A 177 -16.77 -19.39 3.39
N PRO A 178 -15.45 -19.51 3.65
CA PRO A 178 -14.83 -20.81 3.90
C PRO A 178 -15.41 -21.51 5.14
N TYR A 179 -15.48 -22.84 5.10
CA TYR A 179 -15.89 -23.60 6.29
C TYR A 179 -14.89 -23.39 7.43
N ASP A 180 -13.60 -23.22 7.09
CA ASP A 180 -12.56 -23.05 8.13
C ASP A 180 -12.41 -21.57 8.43
N LYS A 181 -12.95 -21.17 9.57
CA LYS A 181 -13.05 -19.77 9.96
C LYS A 181 -11.71 -19.14 10.33
N MSE A 182 -10.69 -19.96 10.57
CA MSE A 182 -9.31 -19.47 10.73
C MSE A 182 -8.85 -18.61 9.56
O MSE A 182 -8.02 -17.69 9.74
CB MSE A 182 -8.31 -20.63 10.82
CG MSE A 182 -8.23 -21.33 12.14
SE MSE A 182 -7.66 -20.12 13.55
CE MSE A 182 -6.52 -18.83 12.55
N LEU A 183 -9.32 -18.94 8.36
CA LEU A 183 -8.86 -18.24 7.17
C LEU A 183 -9.25 -16.74 7.18
N ILE A 184 -10.48 -16.45 7.56
CA ILE A 184 -10.94 -15.08 7.64
C ILE A 184 -10.23 -14.39 8.81
N ALA A 185 -10.14 -15.10 9.95
CA ALA A 185 -9.46 -14.56 11.13
C ALA A 185 -8.05 -14.05 10.78
N GLY A 186 -7.29 -14.87 10.06
CA GLY A 186 -5.98 -14.50 9.57
C GLY A 186 -5.99 -13.26 8.69
N ARG A 187 -6.83 -13.26 7.67
CA ARG A 187 -6.91 -12.11 6.74
C ARG A 187 -7.22 -10.80 7.46
N LEU A 188 -8.11 -10.86 8.44
CA LEU A 188 -8.48 -9.67 9.19
C LEU A 188 -7.58 -9.36 10.38
N GLY A 189 -6.53 -10.14 10.59
CA GLY A 189 -5.61 -9.86 11.69
C GLY A 189 -6.28 -9.96 13.04
N MSE A 190 -7.19 -10.92 13.19
CA MSE A 190 -7.96 -11.11 14.41
C MSE A 190 -7.82 -12.53 14.93
O MSE A 190 -7.67 -13.47 14.14
CB MSE A 190 -9.43 -10.82 14.15
CG MSE A 190 -9.70 -9.38 13.85
SE MSE A 190 -11.53 -9.14 13.27
CE MSE A 190 -12.42 -9.43 15.04
N LYS A 191 -7.85 -12.67 16.24
CA LYS A 191 -7.89 -13.98 16.88
C LYS A 191 -9.26 -14.59 16.59
N PRO A 192 -9.30 -15.91 16.36
CA PRO A 192 -10.55 -16.66 16.17
C PRO A 192 -11.69 -16.33 17.12
N GLU A 193 -11.36 -16.16 18.41
CA GLU A 193 -12.33 -15.86 19.45
C GLU A 193 -12.94 -14.49 19.16
N SER A 194 -12.06 -13.55 18.79
CA SER A 194 -12.46 -12.16 18.50
C SER A 194 -13.38 -12.18 17.31
N LEU A 195 -13.04 -13.02 16.33
CA LEU A 195 -13.89 -13.22 15.17
C LEU A 195 -15.25 -13.74 15.59
N SER A 196 -15.27 -14.79 16.40
CA SER A 196 -16.52 -15.35 16.95
C SER A 196 -17.35 -14.27 17.63
N ARG A 197 -16.71 -13.58 18.58
CA ARG A 197 -17.37 -12.48 19.28
C ARG A 197 -17.87 -11.43 18.31
N ALA A 198 -17.08 -11.12 17.27
CA ALA A 198 -17.47 -10.08 16.34
C ALA A 198 -18.76 -10.47 15.63
N PHE A 199 -18.85 -11.73 15.24
CA PHE A 199 -20.02 -12.23 14.51
C PHE A 199 -21.27 -12.23 15.37
N SER A 200 -21.15 -12.72 16.60
CA SER A 200 -22.32 -12.77 17.47
C SER A 200 -22.80 -11.34 17.74
N ARG A 201 -21.85 -10.46 18.05
CA ARG A 201 -22.10 -9.03 18.17
C ARG A 201 -22.85 -8.49 16.95
N LEU A 202 -22.51 -8.96 15.76
CA LEU A 202 -23.14 -8.47 14.52
C LEU A 202 -24.58 -8.98 14.28
N LYS A 203 -25.04 -9.94 15.08
CA LYS A 203 -26.49 -10.29 15.07
C LYS A 203 -27.39 -9.06 15.11
N ALA A 204 -27.14 -8.15 16.06
CA ALA A 204 -27.93 -6.90 16.18
C ALA A 204 -27.88 -6.00 14.92
N ALA A 205 -26.96 -6.26 13.99
CA ALA A 205 -26.89 -5.55 12.69
C ALA A 205 -27.54 -6.32 11.52
N GLY A 206 -28.21 -7.43 11.82
CA GLY A 206 -28.89 -8.23 10.81
C GLY A 206 -28.03 -9.24 10.08
N VAL A 207 -26.97 -9.70 10.77
CA VAL A 207 -26.05 -10.70 10.23
C VAL A 207 -26.16 -12.00 10.99
N THR A 208 -26.34 -13.11 10.24
CA THR A 208 -26.42 -14.46 10.80
C THR A 208 -25.60 -15.40 9.90
N VAL A 209 -25.01 -16.45 10.49
CA VAL A 209 -23.96 -17.27 9.83
C VAL A 209 -24.33 -18.76 9.51
N LYS A 210 -25.60 -19.02 9.15
CA LYS A 210 -26.09 -20.36 8.75
C LYS A 210 -25.22 -21.10 7.70
N ARG A 211 -24.68 -22.25 8.07
CA ARG A 211 -23.75 -23.06 7.24
C ARG A 211 -22.44 -22.26 7.03
N ASN A 212 -21.88 -22.32 5.82
CA ASN A 212 -20.78 -21.44 5.45
C ASN A 212 -21.28 -20.36 4.49
N HIS A 213 -22.34 -19.69 4.93
CA HIS A 213 -22.92 -18.54 4.24
C HIS A 213 -23.22 -17.47 5.30
N ALA A 214 -22.91 -16.22 4.99
CA ALA A 214 -23.36 -15.11 5.83
C ALA A 214 -24.63 -14.52 5.21
N GLU A 215 -25.62 -14.23 6.05
CA GLU A 215 -26.85 -13.60 5.62
C GLU A 215 -26.86 -12.19 6.20
N ILE A 216 -26.89 -11.19 5.32
CA ILE A 216 -27.07 -9.81 5.74
C ILE A 216 -28.48 -9.36 5.32
N GLU A 217 -29.34 -9.10 6.30
CA GLU A 217 -30.72 -8.70 6.00
C GLU A 217 -30.79 -7.45 5.13
N ASP A 218 -29.98 -6.45 5.47
CA ASP A 218 -30.03 -5.16 4.78
C ASP A 218 -28.65 -4.45 4.80
N ILE A 219 -28.17 -4.12 3.60
CA ILE A 219 -26.87 -3.47 3.39
C ILE A 219 -26.69 -2.18 4.21
N ALA A 220 -27.66 -1.27 4.13
CA ALA A 220 -27.57 0.06 4.76
C ALA A 220 -27.44 0.00 6.28
N LEU A 221 -28.18 -0.93 6.91
CA LEU A 221 -28.13 -1.12 8.36
C LEU A 221 -26.74 -1.56 8.81
N LEU A 222 -26.17 -2.55 8.11
CA LEU A 222 -24.84 -3.01 8.46
C LEU A 222 -23.85 -1.86 8.32
N ARG A 223 -23.99 -1.06 7.27
CA ARG A 223 -23.07 0.06 7.07
C ARG A 223 -23.18 1.07 8.21
N ASP A 224 -24.38 1.23 8.76
CA ASP A 224 -24.57 2.08 9.93
C ASP A 224 -23.73 1.59 11.09
N TYR A 225 -23.75 0.30 11.32
CA TYR A 225 -22.92 -0.28 12.35
C TYR A 225 -21.43 -0.01 12.06
N ALA A 226 -21.03 -0.24 10.81
CA ALA A 226 -19.64 -0.06 10.41
C ALA A 226 -19.16 1.39 10.60
N GLU A 227 -20.07 2.35 10.38
CA GLU A 227 -19.75 3.78 10.53
C GLU A 227 -20.11 4.34 11.92
N SER A 228 -19.16 4.30 12.86
CA SER A 228 -19.41 4.73 14.25
C SER A 228 -18.14 4.99 15.05
N ALA B 5 30.23 9.62 -3.99
CA ALA B 5 29.99 11.10 -3.91
C ALA B 5 28.60 11.34 -3.30
N HIS B 6 28.38 12.47 -2.61
N HIS B 6 28.49 12.40 -2.51
CA HIS B 6 27.10 12.77 -1.92
CA HIS B 6 27.25 12.79 -1.85
C HIS B 6 26.58 11.55 -1.13
C HIS B 6 26.62 11.57 -1.15
N GLU B 7 27.48 10.76 -0.53
CA GLU B 7 27.09 9.46 0.01
C GLU B 7 26.00 9.48 1.11
N ALA B 8 26.09 10.39 2.08
CA ALA B 8 25.09 10.44 3.16
C ALA B 8 23.71 10.80 2.61
N GLN B 9 23.66 11.69 1.61
CA GLN B 9 22.39 12.10 1.02
C GLN B 9 21.78 10.96 0.21
N LYS B 10 22.64 10.26 -0.54
CA LYS B 10 22.19 9.13 -1.33
C LYS B 10 21.64 7.98 -0.43
N ALA B 11 22.24 7.79 0.75
CA ALA B 11 21.73 6.80 1.74
C ALA B 11 20.32 7.18 2.17
N ILE B 12 20.08 8.46 2.44
CA ILE B 12 18.71 8.94 2.73
C ILE B 12 17.76 8.66 1.55
N ALA B 13 18.19 8.96 0.32
CA ALA B 13 17.36 8.71 -0.86
C ALA B 13 16.98 7.23 -1.06
N ARG B 14 17.85 6.32 -0.62
CA ARG B 14 17.59 4.88 -0.74
C ARG B 14 16.39 4.37 0.07
N ASN B 15 15.95 5.15 1.04
N ASN B 15 15.94 5.15 1.05
CA ASN B 15 14.73 4.83 1.78
CA ASN B 15 14.72 4.85 1.77
C ASN B 15 13.44 5.18 1.03
C ASN B 15 13.44 5.12 0.99
N SER B 16 13.53 5.91 -0.07
CA SER B 16 12.34 6.34 -0.80
C SER B 16 11.69 5.21 -1.60
N LEU B 17 10.39 5.33 -1.79
CA LEU B 17 9.63 4.43 -2.65
C LEU B 17 10.26 4.25 -4.03
N LEU B 18 10.64 5.35 -4.68
CA LEU B 18 11.28 5.28 -6.00
C LEU B 18 12.51 4.36 -5.97
N ILE B 19 13.42 4.66 -5.06
CA ILE B 19 14.71 4.00 -5.08
C ILE B 19 14.63 2.56 -4.53
N ARG B 20 13.81 2.36 -3.51
CA ARG B 20 13.56 1.00 -3.01
C ARG B 20 12.97 0.10 -4.09
N SER B 21 12.22 0.66 -5.04
CA SER B 21 11.61 -0.17 -6.07
C SER B 21 12.58 -0.62 -7.18
N LEU B 22 13.75 0.00 -7.26
CA LEU B 22 14.65 -0.28 -8.36
C LEU B 22 15.48 -1.55 -8.10
N PRO B 23 15.86 -2.24 -9.17
CA PRO B 23 16.82 -3.33 -8.96
C PRO B 23 18.17 -2.77 -8.50
N GLU B 24 18.71 -3.39 -7.47
CA GLU B 24 19.87 -2.87 -6.73
C GLU B 24 21.08 -2.53 -7.63
N GLN B 25 21.30 -3.32 -8.68
CA GLN B 25 22.43 -3.08 -9.56
C GLN B 25 22.32 -1.82 -10.42
N HIS B 26 21.13 -1.23 -10.47
CA HIS B 26 20.94 -0.05 -11.30
C HIS B 26 20.86 1.24 -10.50
N VAL B 27 20.77 1.12 -9.17
CA VAL B 27 20.62 2.29 -8.32
C VAL B 27 21.78 3.30 -8.45
N ASP B 28 23.02 2.85 -8.36
CA ASP B 28 24.16 3.79 -8.26
C ASP B 28 24.25 4.64 -9.52
N ALA B 29 24.13 4.01 -10.68
CA ALA B 29 24.23 4.73 -11.95
C ALA B 29 23.14 5.81 -12.03
N LEU B 30 21.95 5.51 -11.53
CA LEU B 30 20.85 6.49 -11.61
C LEU B 30 21.03 7.63 -10.60
N LEU B 31 21.44 7.31 -9.36
CA LEU B 31 21.71 8.32 -8.36
C LEU B 31 22.84 9.27 -8.80
N SER B 32 23.77 8.76 -9.60
CA SER B 32 24.88 9.58 -10.10
C SER B 32 24.42 10.60 -11.12
N GLN B 33 23.18 10.46 -11.63
CA GLN B 33 22.64 11.43 -12.57
C GLN B 33 21.64 12.38 -11.91
N ALA B 34 21.58 12.36 -10.58
CA ALA B 34 20.68 13.24 -9.86
C ALA B 34 21.10 14.71 -9.98
N VAL B 35 20.12 15.61 -9.88
CA VAL B 35 20.37 17.05 -9.73
C VAL B 35 20.00 17.43 -8.28
N TRP B 36 20.94 18.01 -7.56
CA TRP B 36 20.74 18.30 -6.15
C TRP B 36 20.39 19.77 -5.97
N ARG B 37 19.26 20.06 -5.30
CA ARG B 37 18.84 21.42 -5.07
C ARG B 37 18.44 21.68 -3.63
N SER B 38 18.68 22.92 -3.19
CA SER B 38 18.21 23.44 -1.91
C SER B 38 17.14 24.44 -2.12
N TYR B 39 16.20 24.51 -1.18
CA TYR B 39 15.07 25.44 -1.27
C TYR B 39 14.92 26.16 0.08
N ASP B 40 14.72 27.48 0.04
CA ASP B 40 14.40 28.20 1.26
C ASP B 40 12.94 27.90 1.62
N ARG B 41 12.61 28.15 2.89
N ARG B 41 12.62 28.12 2.88
CA ARG B 41 11.22 28.11 3.33
CA ARG B 41 11.25 28.13 3.35
C ARG B 41 10.41 29.00 2.40
C ARG B 41 10.40 29.01 2.43
N GLY B 42 9.28 28.48 1.95
CA GLY B 42 8.38 29.20 1.06
C GLY B 42 8.76 29.19 -0.41
N GLU B 43 9.88 28.56 -0.77
CA GLU B 43 10.31 28.55 -2.16
C GLU B 43 9.55 27.47 -2.95
N THR B 44 9.17 27.84 -4.17
CA THR B 44 8.52 26.94 -5.12
C THR B 44 9.50 25.89 -5.68
N LEU B 45 9.08 24.62 -5.67
CA LEU B 45 9.78 23.53 -6.38
C LEU B 45 9.22 23.42 -7.77
N PHE B 46 7.89 23.41 -7.87
CA PHE B 46 7.21 23.47 -9.14
C PHE B 46 5.81 23.95 -8.95
N LEU B 47 5.21 24.32 -10.06
CA LEU B 47 3.85 24.81 -10.10
C LEU B 47 2.96 23.90 -10.95
N GLN B 48 1.70 23.84 -10.52
CA GLN B 48 0.61 23.25 -11.26
C GLN B 48 0.66 23.65 -12.73
N GLU B 49 0.42 22.68 -13.62
CA GLU B 49 0.48 22.81 -15.08
C GLU B 49 1.88 22.82 -15.70
N GLU B 50 2.95 22.92 -14.93
CA GLU B 50 4.28 22.81 -15.52
C GLU B 50 4.56 21.36 -15.95
N LYS B 51 5.59 21.15 -16.79
CA LYS B 51 5.96 19.79 -17.26
C LYS B 51 6.66 19.04 -16.16
N ALA B 52 6.36 17.77 -16.02
CA ALA B 52 6.95 16.95 -14.96
C ALA B 52 8.28 16.40 -15.46
N GLN B 53 9.37 17.12 -15.23
CA GLN B 53 10.62 16.76 -15.86
C GLN B 53 11.54 15.97 -14.95
N ALA B 54 11.13 15.75 -13.71
CA ALA B 54 11.93 15.00 -12.76
C ALA B 54 11.02 14.35 -11.75
N ILE B 55 11.56 13.34 -11.09
CA ILE B 55 10.93 12.72 -9.95
C ILE B 55 11.71 13.21 -8.73
N HIS B 56 11.00 13.42 -7.63
CA HIS B 56 11.55 14.15 -6.49
C HIS B 56 11.67 13.31 -5.26
N VAL B 57 12.79 13.47 -4.56
CA VAL B 57 13.07 12.80 -3.33
C VAL B 57 13.58 13.80 -2.28
N VAL B 58 12.83 13.95 -1.18
CA VAL B 58 13.24 14.86 -0.11
C VAL B 58 14.40 14.24 0.65
N ILE B 59 15.50 14.99 0.78
CA ILE B 59 16.66 14.57 1.56
C ILE B 59 16.57 15.15 2.96
N ASP B 60 16.04 16.35 3.08
CA ASP B 60 15.89 17.00 4.39
C ASP B 60 14.77 18.03 4.31
N GLY B 61 14.04 18.23 5.41
CA GLY B 61 12.99 19.26 5.46
C GLY B 61 11.63 18.73 5.08
N TRP B 62 10.68 19.63 4.88
CA TRP B 62 9.28 19.29 4.60
C TRP B 62 8.79 20.04 3.36
N VAL B 63 8.17 19.31 2.44
CA VAL B 63 7.62 19.88 1.21
C VAL B 63 6.12 19.66 1.24
N LYS B 64 5.34 20.67 0.88
CA LYS B 64 3.89 20.48 0.77
C LYS B 64 3.47 20.49 -0.68
N LEU B 65 2.47 19.68 -1.01
CA LEU B 65 1.84 19.71 -2.32
C LEU B 65 0.44 20.27 -2.11
N PHE B 66 -0.02 21.14 -3.00
CA PHE B 66 -1.33 21.78 -2.85
C PHE B 66 -1.92 22.14 -4.21
N ARG B 67 -3.25 22.15 -4.31
CA ARG B 67 -3.90 22.67 -5.49
C ARG B 67 -4.71 23.91 -5.18
N MSE B 68 -4.88 24.74 -6.21
CA MSE B 68 -5.67 25.93 -6.12
C MSE B 68 -7.15 25.61 -6.33
O MSE B 68 -7.48 25.06 -7.36
CB MSE B 68 -5.21 26.94 -7.17
CG MSE B 68 -3.74 27.32 -7.03
SE MSE B 68 -3.39 27.90 -5.18
CE MSE B 68 -4.80 29.21 -5.09
N THR B 69 -8.00 25.96 -5.37
CA THR B 69 -9.46 25.84 -5.54
C THR B 69 -9.88 26.92 -6.55
N PRO B 70 -11.08 26.82 -7.14
CA PRO B 70 -11.43 27.93 -8.07
C PRO B 70 -11.83 29.22 -7.36
N THR B 71 -12.27 29.12 -6.12
CA THR B 71 -12.34 30.23 -5.16
C THR B 71 -10.94 30.88 -4.84
N GLY B 72 -9.87 30.21 -5.24
CA GLY B 72 -8.51 30.72 -5.10
C GLY B 72 -7.76 30.35 -3.83
N SER B 73 -8.30 29.41 -3.05
CA SER B 73 -7.62 28.97 -1.83
C SER B 73 -6.70 27.79 -2.10
N GLU B 74 -5.59 27.76 -1.37
CA GLU B 74 -4.64 26.65 -1.40
C GLU B 74 -5.24 25.52 -0.57
N ALA B 75 -5.55 24.41 -1.22
CA ALA B 75 -5.93 23.16 -0.58
C ALA B 75 -4.69 22.21 -0.51
N VAL B 76 -4.13 21.98 0.69
CA VAL B 76 -2.99 21.07 0.86
C VAL B 76 -3.41 19.65 0.57
N VAL B 77 -2.68 18.97 -0.30
CA VAL B 77 -2.97 17.59 -0.69
C VAL B 77 -2.06 16.60 0.04
N SER B 78 -0.81 16.98 0.29
CA SER B 78 0.14 16.10 0.98
C SER B 78 1.31 16.88 1.49
N VAL B 79 1.99 16.31 2.47
CA VAL B 79 3.31 16.75 2.89
C VAL B 79 4.28 15.60 2.87
N PHE B 80 5.50 15.87 2.43
CA PHE B 80 6.57 14.85 2.37
C PHE B 80 7.79 15.34 3.07
N THR B 81 8.59 14.39 3.58
CA THR B 81 9.78 14.73 4.33
C THR B 81 10.93 13.77 3.98
N ARG B 82 12.03 13.85 4.72
CA ARG B 82 13.27 13.14 4.35
C ARG B 82 13.06 11.66 4.12
N GLY B 83 13.67 11.18 3.04
CA GLY B 83 13.59 9.80 2.63
C GLY B 83 12.32 9.46 1.86
N GLU B 84 11.56 10.44 1.42
CA GLU B 84 10.31 10.15 0.71
C GLU B 84 10.34 10.71 -0.70
N SER B 85 9.84 9.91 -1.65
CA SER B 85 9.79 10.33 -3.04
C SER B 85 8.39 10.72 -3.42
N PHE B 86 8.26 11.54 -4.46
CA PHE B 86 6.94 11.83 -5.00
C PHE B 86 7.08 12.28 -6.46
N GLY B 87 5.96 12.31 -7.19
CA GLY B 87 5.94 12.68 -8.59
C GLY B 87 6.25 11.59 -9.59
N GLU B 88 6.34 10.34 -9.12
CA GLU B 88 6.69 9.21 -9.99
C GLU B 88 5.67 9.06 -11.11
N ALA B 89 4.39 8.97 -10.76
CA ALA B 89 3.35 8.70 -11.75
C ALA B 89 3.32 9.78 -12.83
N VAL B 90 3.33 11.05 -12.41
CA VAL B 90 3.16 12.10 -13.38
C VAL B 90 4.38 12.24 -14.28
N ALA B 91 5.55 11.94 -13.73
CA ALA B 91 6.76 11.99 -14.50
C ALA B 91 6.75 10.88 -15.58
N LEU B 92 6.30 9.68 -15.21
CA LEU B 92 6.26 8.60 -16.18
C LEU B 92 5.12 8.79 -17.20
N ARG B 93 4.03 9.44 -16.83
CA ARG B 93 2.98 9.72 -17.80
C ARG B 93 3.28 10.94 -18.63
N ASN B 94 4.25 11.74 -18.17
CA ASN B 94 4.54 12.99 -18.80
C ASN B 94 3.28 13.85 -19.00
N THR B 95 2.45 13.96 -17.96
CA THR B 95 1.33 14.87 -17.98
C THR B 95 1.62 16.09 -17.07
N PRO B 96 0.87 17.18 -17.24
CA PRO B 96 1.19 18.39 -16.49
C PRO B 96 0.95 18.21 -14.98
N TYR B 97 1.74 18.87 -14.15
CA TYR B 97 1.58 18.75 -12.70
C TYR B 97 0.16 19.13 -12.30
N PRO B 98 -0.52 18.29 -11.51
CA PRO B 98 -1.87 18.58 -11.04
C PRO B 98 -1.86 19.40 -9.75
N VAL B 99 -0.67 19.58 -9.17
CA VAL B 99 -0.47 20.32 -7.93
C VAL B 99 0.80 21.15 -8.04
N SER B 100 0.93 22.12 -7.12
CA SER B 100 2.18 22.83 -6.90
C SER B 100 2.87 22.25 -5.70
N ALA B 101 4.18 22.49 -5.59
CA ALA B 101 5.00 22.02 -4.47
C ALA B 101 5.82 23.20 -3.96
N GLU B 102 5.90 23.34 -2.66
CA GLU B 102 6.58 24.43 -2.01
C GLU B 102 7.26 23.93 -0.76
N ALA B 103 8.45 24.43 -0.49
CA ALA B 103 9.18 24.11 0.71
C ALA B 103 8.48 24.74 1.93
N VAL B 104 8.20 23.92 2.94
CA VAL B 104 7.56 24.35 4.19
C VAL B 104 8.63 24.67 5.23
N THR B 105 9.75 23.99 5.20
CA THR B 105 10.93 24.37 5.96
C THR B 105 12.02 24.55 4.92
N PRO B 106 13.20 25.04 5.33
CA PRO B 106 14.32 24.88 4.41
C PRO B 106 14.46 23.39 4.03
N CYS B 107 14.69 23.11 2.74
CA CYS B 107 14.71 21.74 2.18
C CYS B 107 15.96 21.45 1.38
N GLU B 108 16.37 20.20 1.34
CA GLU B 108 17.25 19.67 0.31
C GLU B 108 16.49 18.59 -0.42
N VAL B 109 16.56 18.61 -1.74
CA VAL B 109 15.87 17.65 -2.58
C VAL B 109 16.84 17.08 -3.61
N MSE B 110 16.65 15.81 -3.92
CA MSE B 110 17.32 15.16 -5.01
C MSE B 110 16.32 14.98 -6.13
O MSE B 110 15.28 14.31 -5.97
CB MSE B 110 17.85 13.79 -4.57
CG MSE B 110 18.78 13.15 -5.60
SE MSE B 110 19.15 11.30 -5.16
CE MSE B 110 17.38 10.55 -5.54
N HIS B 111 16.63 15.51 -7.28
CA HIS B 111 15.75 15.39 -8.44
C HIS B 111 16.38 14.40 -9.44
N ILE B 112 15.62 13.40 -9.86
CA ILE B 112 16.07 12.48 -10.91
C ILE B 112 15.38 12.89 -12.21
N PRO B 113 16.16 13.32 -13.22
CA PRO B 113 15.46 13.73 -14.45
C PRO B 113 14.68 12.57 -15.04
N SER B 114 13.45 12.85 -15.49
CA SER B 114 12.59 11.81 -16.02
C SER B 114 13.22 11.03 -17.16
N PRO B 115 13.84 11.72 -18.15
CA PRO B 115 14.41 10.94 -19.24
C PRO B 115 15.52 9.98 -18.79
N VAL B 116 16.20 10.24 -17.68
CA VAL B 116 17.22 9.31 -17.21
C VAL B 116 16.57 7.98 -16.81
N PHE B 117 15.43 8.06 -16.14
CA PHE B 117 14.75 6.88 -15.66
C PHE B 117 14.01 6.20 -16.83
N VAL B 118 13.28 6.97 -17.62
CA VAL B 118 12.54 6.43 -18.74
C VAL B 118 13.44 5.76 -19.79
N SER B 119 14.55 6.38 -20.11
CA SER B 119 15.37 5.86 -21.18
C SER B 119 15.98 4.51 -20.78
N LEU B 120 16.36 4.37 -19.52
CA LEU B 120 16.81 3.07 -18.97
C LEU B 120 15.81 1.95 -19.28
N MSE B 121 14.53 2.22 -18.99
CA MSE B 121 13.47 1.24 -19.26
C MSE B 121 13.16 1.03 -20.76
O MSE B 121 12.77 -0.05 -21.20
CB MSE B 121 12.23 1.58 -18.45
CG MSE B 121 12.49 1.52 -16.92
SE MSE B 121 10.90 1.86 -15.92
CE MSE B 121 10.94 3.79 -16.10
N ARG B 122 13.34 2.04 -21.59
CA ARG B 122 13.13 1.85 -23.02
C ARG B 122 14.28 1.11 -23.69
N ARG B 123 15.46 1.18 -23.07
CA ARG B 123 16.60 0.48 -23.59
C ARG B 123 16.57 -0.97 -23.18
N ASP B 124 16.04 -1.24 -21.97
CA ASP B 124 16.06 -2.56 -21.36
C ASP B 124 14.78 -2.80 -20.57
N PRO B 125 13.77 -3.36 -21.22
CA PRO B 125 12.44 -3.53 -20.58
C PRO B 125 12.44 -4.57 -19.44
N GLU B 126 13.50 -5.34 -19.32
CA GLU B 126 13.72 -6.15 -18.15
C GLU B 126 13.83 -5.32 -16.86
N ILE B 127 14.26 -4.08 -16.98
CA ILE B 127 14.33 -3.20 -15.84
C ILE B 127 12.94 -2.84 -15.37
N CYS B 128 12.07 -2.43 -16.29
CA CYS B 128 10.69 -2.08 -15.89
C CYS B 128 9.95 -3.31 -15.39
N ILE B 129 10.21 -4.47 -15.98
CA ILE B 129 9.61 -5.71 -15.49
C ILE B 129 10.00 -5.99 -14.04
N SER B 130 11.28 -5.81 -13.66
CA SER B 130 11.71 -6.02 -12.25
C SER B 130 11.09 -5.03 -11.33
N ILE B 131 11.08 -3.78 -11.74
CA ILE B 131 10.48 -2.74 -10.93
C ILE B 131 9.01 -3.03 -10.68
N LEU B 132 8.32 -3.41 -11.72
CA LEU B 132 6.88 -3.71 -11.60
C LEU B 132 6.64 -4.93 -10.74
N ALA B 133 7.51 -5.93 -10.82
CA ALA B 133 7.35 -7.11 -9.95
C ALA B 133 7.36 -6.59 -8.50
N THR B 134 8.33 -5.74 -8.19
CA THR B 134 8.52 -5.22 -6.84
C THR B 134 7.32 -4.39 -6.37
N THR B 135 6.80 -3.52 -7.23
CA THR B 135 5.71 -2.68 -6.86
C THR B 135 4.45 -3.50 -6.69
N PHE B 136 4.26 -4.54 -7.49
CA PHE B 136 3.10 -5.43 -7.26
C PHE B 136 3.17 -6.10 -5.90
N GLY B 137 4.36 -6.56 -5.52
CA GLY B 137 4.46 -7.30 -4.25
C GLY B 137 4.16 -6.32 -3.12
N HIS B 138 4.66 -5.11 -3.28
CA HIS B 138 4.45 -4.06 -2.32
C HIS B 138 2.96 -3.65 -2.25
N LEU B 139 2.28 -3.53 -3.38
CA LEU B 139 0.83 -3.23 -3.35
C LEU B 139 0.08 -4.28 -2.59
N HIS B 140 0.38 -5.55 -2.88
CA HIS B 140 -0.27 -6.63 -2.15
C HIS B 140 -0.05 -6.56 -0.67
N SER B 141 1.17 -6.22 -0.30
CA SER B 141 1.47 -6.15 1.12
C SER B 141 0.67 -5.01 1.79
N LEU B 142 0.57 -3.87 1.14
CA LEU B 142 -0.19 -2.76 1.72
C LEU B 142 -1.74 -3.06 1.78
N VAL B 143 -2.26 -3.69 0.74
CA VAL B 143 -3.66 -4.09 0.73
C VAL B 143 -3.92 -5.08 1.87
N ALA B 144 -3.02 -6.04 2.08
CA ALA B 144 -3.21 -7.03 3.14
C ALA B 144 -3.15 -6.31 4.48
N GLN B 145 -2.23 -5.35 4.64
CA GLN B 145 -2.19 -4.58 5.91
C GLN B 145 -3.47 -3.78 6.16
N LEU B 146 -4.03 -3.14 5.14
CA LEU B 146 -5.26 -2.37 5.29
C LEU B 146 -6.43 -3.26 5.67
N GLU B 147 -6.32 -4.54 5.42
CA GLU B 147 -7.37 -5.46 5.76
C GLU B 147 -7.39 -5.82 7.26
N GLN B 148 -6.25 -5.60 7.90
CA GLN B 148 -6.03 -6.15 9.25
C GLN B 148 -6.45 -5.14 10.31
N LEU B 149 -7.15 -5.63 11.34
CA LEU B 149 -7.70 -4.78 12.41
C LEU B 149 -6.65 -3.86 13.04
N LYS B 150 -6.92 -2.56 13.02
CA LYS B 150 -6.11 -1.58 13.72
C LYS B 150 -6.68 -1.31 15.11
N ALA B 151 -5.81 -1.36 16.12
CA ALA B 151 -6.19 -1.12 17.52
C ALA B 151 -5.45 0.07 18.15
N GLN B 152 -4.40 0.57 17.53
CA GLN B 152 -3.66 1.70 18.09
C GLN B 152 -4.53 2.94 18.36
N THR B 153 -4.32 3.58 19.51
CA THR B 153 -4.97 4.86 19.80
C THR B 153 -4.31 6.03 19.05
N GLY B 154 -4.98 7.18 19.04
CA GLY B 154 -4.39 8.37 18.46
C GLY B 154 -2.96 8.63 18.90
N ALA B 155 -2.73 8.62 20.22
CA ALA B 155 -1.39 8.90 20.73
C ALA B 155 -0.43 7.87 20.18
N GLN B 156 -0.85 6.60 20.11
CA GLN B 156 0.01 5.53 19.63
C GLN B 156 0.36 5.74 18.17
N ARG B 157 -0.60 6.21 17.39
CA ARG B 157 -0.34 6.45 15.97
C ARG B 157 0.68 7.55 15.77
N VAL B 158 0.67 8.57 16.62
CA VAL B 158 1.64 9.66 16.52
C VAL B 158 3.03 9.18 16.94
N ALA B 159 3.07 8.36 18.00
CA ALA B 159 4.31 7.72 18.44
C ALA B 159 4.94 6.97 17.28
N GLU B 160 4.11 6.21 16.58
CA GLU B 160 4.53 5.43 15.42
C GLU B 160 5.09 6.29 14.30
N PHE B 161 4.39 7.39 14.03
CA PHE B 161 4.84 8.36 13.07
C PHE B 161 6.21 8.94 13.46
N LEU B 162 6.36 9.36 14.69
CA LEU B 162 7.64 9.86 15.17
C LEU B 162 8.74 8.79 15.05
N LEU B 163 8.43 7.55 15.41
CA LEU B 163 9.42 6.47 15.34
C LEU B 163 9.91 6.24 13.91
N GLU B 164 8.99 6.27 12.97
CA GLU B 164 9.36 6.13 11.57
C GLU B 164 10.25 7.30 11.12
N LEU B 165 10.03 8.52 11.59
CA LEU B 165 10.90 9.66 11.25
C LEU B 165 12.35 9.54 11.81
N CYS B 166 12.53 8.85 12.93
CA CYS B 166 13.88 8.68 13.48
C CYS B 166 14.69 7.59 12.79
N ASP B 167 15.97 7.85 12.55
CA ASP B 167 16.86 6.87 11.91
C ASP B 167 17.17 5.63 12.74
N CYS B 168 17.48 5.83 14.01
N CYS B 168 17.47 5.85 14.01
CA CYS B 168 17.93 4.73 14.85
CA CYS B 168 17.92 4.81 14.93
C CYS B 168 16.79 4.04 15.58
C CYS B 168 16.78 4.01 15.53
N ASP B 169 17.14 2.92 16.22
CA ASP B 169 16.20 2.10 16.98
C ASP B 169 16.39 2.25 18.48
N THR B 170 17.43 2.95 18.93
CA THR B 170 17.63 3.23 20.34
C THR B 170 18.31 4.58 20.53
N GLY B 171 18.32 5.08 21.76
CA GLY B 171 18.94 6.36 22.10
C GLY B 171 17.95 7.52 22.02
N ALA B 172 18.46 8.72 22.22
CA ALA B 172 17.67 9.94 22.08
C ALA B 172 17.56 10.28 20.60
N CYS B 173 16.56 11.07 20.25
CA CYS B 173 16.30 11.43 18.87
C CYS B 173 15.65 12.79 18.77
N GLU B 174 15.92 13.48 17.66
CA GLU B 174 15.30 14.75 17.40
C GLU B 174 14.85 14.82 15.95
N VAL B 175 13.58 15.13 15.73
CA VAL B 175 13.01 15.24 14.38
C VAL B 175 12.46 16.66 14.15
N THR B 176 12.81 17.26 13.03
CA THR B 176 12.35 18.61 12.69
C THR B 176 10.91 18.51 12.14
N LEU B 177 10.03 19.40 12.57
CA LEU B 177 8.63 19.40 12.12
C LEU B 177 8.27 20.75 11.54
N PRO B 178 7.21 20.79 10.72
CA PRO B 178 6.69 22.09 10.32
C PRO B 178 6.24 22.87 11.52
N TYR B 179 6.37 24.19 11.46
CA TYR B 179 5.81 25.06 12.47
C TYR B 179 4.30 24.89 12.54
N ASP B 180 3.64 24.77 11.39
CA ASP B 180 2.21 24.57 11.38
C ASP B 180 1.88 23.09 11.57
N LYS B 181 1.50 22.70 12.78
CA LYS B 181 1.26 21.28 13.09
C LYS B 181 0.01 20.72 12.40
N MSE B 182 -0.83 21.59 11.86
CA MSE B 182 -2.00 21.15 11.10
C MSE B 182 -1.62 20.35 9.86
O MSE B 182 -2.39 19.51 9.40
CB MSE B 182 -2.90 22.34 10.74
CG MSE B 182 -3.58 22.91 12.00
SE MSE B 182 -5.02 24.25 11.77
CE MSE B 182 -6.06 23.23 10.44
N LEU B 183 -0.43 20.58 9.31
CA LEU B 183 0.05 19.76 8.21
C LEU B 183 0.26 18.32 8.63
N ILE B 184 0.76 18.10 9.85
CA ILE B 184 0.95 16.74 10.36
C ILE B 184 -0.42 16.11 10.65
N ALA B 185 -1.32 16.91 11.19
CA ALA B 185 -2.66 16.44 11.50
C ALA B 185 -3.33 15.95 10.24
N GLY B 186 -3.25 16.75 9.19
CA GLY B 186 -3.74 16.37 7.86
C GLY B 186 -3.17 15.03 7.41
N ARG B 187 -1.86 14.89 7.55
CA ARG B 187 -1.22 13.67 7.08
C ARG B 187 -1.72 12.42 7.84
N LEU B 188 -1.96 12.57 9.14
CA LEU B 188 -2.39 11.48 9.95
C LEU B 188 -3.91 11.35 9.98
N GLY B 189 -4.60 12.16 9.21
CA GLY B 189 -6.06 12.10 9.22
C GLY B 189 -6.68 12.44 10.58
N MSE B 190 -6.05 13.35 11.33
CA MSE B 190 -6.52 13.69 12.70
C MSE B 190 -6.98 15.13 12.77
O MSE B 190 -6.41 16.01 12.13
CB MSE B 190 -5.41 13.51 13.73
CG MSE B 190 -4.94 12.09 13.90
SE MSE B 190 -3.36 11.94 15.05
CE MSE B 190 -4.27 11.99 16.81
N LYS B 191 -8.01 15.39 13.59
CA LYS B 191 -8.36 16.79 13.92
C LYS B 191 -7.18 17.44 14.65
N PRO B 192 -6.92 18.73 14.40
CA PRO B 192 -5.86 19.50 15.10
C PRO B 192 -5.79 19.28 16.59
N GLU B 193 -6.94 19.30 17.24
CA GLU B 193 -7.00 19.18 18.68
C GLU B 193 -6.68 17.75 19.13
N SER B 194 -7.04 16.76 18.29
CA SER B 194 -6.65 15.37 18.54
C SER B 194 -5.15 15.20 18.49
N LEU B 195 -4.50 15.80 17.51
CA LEU B 195 -3.03 15.76 17.44
C LEU B 195 -2.42 16.36 18.71
N SER B 196 -3.02 17.43 19.20
CA SER B 196 -2.51 18.11 20.42
C SER B 196 -2.63 17.24 21.67
N ARG B 197 -3.77 16.59 21.83
CA ARG B 197 -3.95 15.62 22.91
C ARG B 197 -2.91 14.52 22.79
N ALA B 198 -2.69 14.02 21.57
CA ALA B 198 -1.71 12.94 21.40
C ALA B 198 -0.36 13.39 21.89
N PHE B 199 0.08 14.57 21.47
CA PHE B 199 1.36 15.11 21.93
C PHE B 199 1.39 15.23 23.45
N SER B 200 0.27 15.64 24.03
CA SER B 200 0.22 15.82 25.48
C SER B 200 0.46 14.47 26.18
N ARG B 201 -0.31 13.46 25.80
CA ARG B 201 -0.10 12.13 26.30
C ARG B 201 1.35 11.64 26.16
N LEU B 202 1.99 11.95 25.03
CA LEU B 202 3.32 11.40 24.72
C LEU B 202 4.43 12.04 25.54
N LYS B 203 4.11 13.13 26.24
CA LYS B 203 4.99 13.68 27.27
C LYS B 203 5.40 12.53 28.21
N ALA B 204 4.41 11.76 28.66
CA ALA B 204 4.68 10.61 29.54
C ALA B 204 5.60 9.54 28.92
N ALA B 205 5.69 9.48 27.58
CA ALA B 205 6.58 8.53 26.86
C ALA B 205 7.93 9.14 26.41
N GLY B 206 8.24 10.33 26.92
CA GLY B 206 9.53 11.00 26.67
C GLY B 206 9.60 11.97 25.50
N VAL B 207 8.43 12.38 24.98
CA VAL B 207 8.37 13.27 23.81
C VAL B 207 7.98 14.73 24.18
N THR B 208 8.80 15.68 23.74
CA THR B 208 8.52 17.10 23.89
C THR B 208 8.44 17.69 22.50
N VAL B 209 7.31 18.31 22.16
CA VAL B 209 7.15 18.94 20.85
C VAL B 209 7.39 20.44 21.01
N LYS B 210 8.27 20.98 20.18
CA LYS B 210 8.56 22.42 20.17
C LYS B 210 8.11 23.05 18.82
N ARG B 211 8.50 24.28 18.55
CA ARG B 211 7.98 25.01 17.42
C ARG B 211 8.38 24.34 16.10
N ASN B 212 9.65 23.97 16.00
CA ASN B 212 10.18 23.47 14.74
C ASN B 212 10.77 22.06 14.88
N HIS B 213 10.57 21.41 16.02
CA HIS B 213 11.09 20.08 16.20
C HIS B 213 10.46 19.35 17.39
N ALA B 214 10.56 18.02 17.36
CA ALA B 214 10.16 17.17 18.46
C ALA B 214 11.41 16.51 19.03
N GLU B 215 11.40 16.30 20.34
CA GLU B 215 12.50 15.64 21.02
C GLU B 215 11.98 14.36 21.66
N ILE B 216 12.59 13.23 21.25
CA ILE B 216 12.32 11.91 21.83
C ILE B 216 13.53 11.53 22.70
N GLU B 217 13.33 11.42 24.00
CA GLU B 217 14.47 11.11 24.88
C GLU B 217 14.92 9.65 24.70
N ASP B 218 13.98 8.73 24.56
CA ASP B 218 14.30 7.30 24.43
C ASP B 218 13.40 6.58 23.42
N ILE B 219 13.99 6.23 22.28
CA ILE B 219 13.30 5.51 21.22
C ILE B 219 12.65 4.23 21.72
N ALA B 220 13.36 3.49 22.59
CA ALA B 220 12.84 2.24 23.11
C ALA B 220 11.59 2.51 23.96
N LEU B 221 11.68 3.48 24.85
CA LEU B 221 10.51 3.90 25.64
C LEU B 221 9.32 4.28 24.75
N LEU B 222 9.58 4.98 23.64
CA LEU B 222 8.49 5.42 22.77
C LEU B 222 7.88 4.22 22.05
N ARG B 223 8.73 3.35 21.53
CA ARG B 223 8.27 2.09 20.92
C ARG B 223 7.45 1.22 21.89
N ASP B 224 7.80 1.26 23.17
CA ASP B 224 7.01 0.53 24.15
C ASP B 224 5.61 1.09 24.22
N TYR B 225 5.51 2.42 24.31
CA TYR B 225 4.24 3.10 24.28
C TYR B 225 3.43 2.65 23.06
N ALA B 226 4.06 2.71 21.89
CA ALA B 226 3.39 2.39 20.63
C ALA B 226 2.86 0.95 20.59
N GLU B 227 3.70 0.02 21.04
CA GLU B 227 3.39 -1.42 21.01
C GLU B 227 2.53 -1.91 22.16
N SER B 228 2.46 -1.16 23.26
CA SER B 228 1.69 -1.58 24.43
C SER B 228 0.22 -1.80 24.05
N ASP B 229 -0.45 -2.70 24.78
CA ASP B 229 -1.86 -3.03 24.53
C ASP B 229 -2.70 -1.75 24.63
N PRO B 230 -3.34 -1.33 23.50
CA PRO B 230 -4.13 -0.08 23.50
C PRO B 230 -5.13 0.02 24.66
N ALA B 231 -5.70 -1.13 25.06
CA ALA B 231 -6.66 -1.25 26.17
C ALA B 231 -6.04 -1.18 27.58
N ASP B 232 -4.72 -0.99 27.66
CA ASP B 232 -4.00 -0.78 28.93
C ASP B 232 -3.57 0.68 29.08
N SER B 233 -3.58 1.16 30.32
CA SER B 233 -2.91 2.42 30.66
C SER B 233 -1.43 2.10 30.85
N TRP B 234 -0.58 2.95 30.28
CA TRP B 234 0.82 2.58 30.05
C TRP B 234 1.78 2.99 31.19
N SER B 235 2.84 2.18 31.35
CA SER B 235 3.90 2.41 32.34
C SER B 235 3.38 2.22 33.77
P PO4 C . -12.87 -8.67 21.05
O1 PO4 C . -12.98 -8.80 19.54
O2 PO4 C . -11.92 -9.73 21.57
O3 PO4 C . -14.26 -8.83 21.63
O4 PO4 C . -12.32 -7.31 21.41
P PO4 D . -23.18 -25.10 1.42
O1 PO4 D . -22.32 -23.91 1.03
O2 PO4 D . -24.03 -24.74 2.64
O3 PO4 D . -24.06 -25.39 0.23
O4 PO4 D . -22.33 -26.32 1.73
P PO4 E . 0.98 -12.11 -4.42
O1 PO4 E . 2.21 -11.20 -4.25
O2 PO4 E . 0.17 -12.02 -3.14
O3 PO4 E . 0.18 -11.67 -5.61
O4 PO4 E . 1.36 -13.55 -4.69
P PO4 F . 27.99 11.70 -8.64
O1 PO4 F . 27.43 12.28 -9.92
O2 PO4 F . 26.96 11.69 -7.52
O3 PO4 F . 28.51 10.32 -8.97
O4 PO4 F . 29.11 12.61 -8.14
P PO4 G . 12.50 25.37 18.25
O1 PO4 G . 13.00 26.31 17.19
O2 PO4 G . 11.40 25.97 19.11
O3 PO4 G . 11.96 24.12 17.58
O4 PO4 G . 13.67 25.01 19.15
P PO4 H . -8.72 11.40 20.62
O1 PO4 H . -9.62 12.09 19.61
O2 PO4 H . -8.83 12.13 21.93
O3 PO4 H . -7.27 11.41 20.20
O4 PO4 H . -9.18 9.97 20.81
C1 GOL I . 19.03 27.74 -1.08
O1 GOL I . 17.89 27.47 -0.31
C2 GOL I . 18.72 28.16 -2.53
O2 GOL I . 17.35 28.55 -2.82
C3 GOL I . 19.32 27.08 -3.45
O3 GOL I . 18.83 27.26 -4.75
C1 GOL J . 17.11 -7.55 -8.29
O1 GOL J . 18.49 -7.20 -8.36
C2 GOL J . 16.55 -8.10 -9.62
O2 GOL J . 15.16 -8.25 -9.45
C3 GOL J . 16.79 -7.18 -10.82
O3 GOL J . 17.08 -7.84 -12.04
#